data_4GIQ
#
_entry.id   4GIQ
#
_cell.length_a   120.636
_cell.length_b   120.636
_cell.length_c   94.297
_cell.angle_alpha   90.00
_cell.angle_beta   90.00
_cell.angle_gamma   120.00
#
_symmetry.space_group_name_H-M   'P 63'
#
loop_
_entity.id
_entity.type
_entity.pdbx_description
1 polymer 'Tumor necrosis factor ligand superfamily member 11'
2 polymer 'Tumor necrosis factor receptor superfamily member 11A'
3 non-polymer 'CHLORIDE ION'
4 non-polymer 'SODIUM ION'
5 non-polymer 2-acetamido-2-deoxy-beta-D-glucopyranose
6 water water
#
loop_
_entity_poly.entity_id
_entity_poly.type
_entity_poly.pdbx_seq_one_letter_code
_entity_poly.pdbx_strand_id
1 'polypeptide(L)'
;GPLGSPEFPGRRKPEAQPFAHLTINAASIPSGSHKVTLSSWYHDRGWAKISNMTLSNGKLRVNQDGFYYLYANICFRHHE
TSGSVPTDYLQLMVYVVKTSIKIPSSHNLMKGGSTKNWSGNSEFHFYSINVGGFFKLRAGEEISIQVSNPSLLDPDQDAT
YFGAFKVQDID
;
A
2 'polypeptide(L)'
;VTPPCTQERHYEHLGRCCSRCEPGKYLSSKCTPTSDSVCLPCGPDEYLDTWNEEDKCLLHKVCDAGKALVAVDPGNHTAP
RRCACTAGYHWNSDCECCRRNTECAPGFGAQHPLQLNKDTVCTPCLLGFFSDVFSSTDKCKPWTNCTLLGKLEAHQGTTE
SDVVCSSSGSLVPR
;
R
#
# COMPACT_ATOMS: atom_id res chain seq x y z
N GLN A 17 26.45 -8.29 16.12
CA GLN A 17 25.24 -8.88 16.66
C GLN A 17 24.23 -9.16 15.55
N PRO A 18 23.45 -10.23 15.70
CA PRO A 18 22.44 -10.64 14.70
C PRO A 18 21.13 -9.86 14.80
N PHE A 19 20.48 -9.68 13.65
CA PHE A 19 19.19 -8.98 13.61
C PHE A 19 18.41 -9.34 12.35
N ALA A 20 17.17 -8.87 12.28
CA ALA A 20 16.32 -9.07 11.10
C ALA A 20 15.17 -8.09 11.11
N HIS A 21 14.84 -7.58 9.93
CA HIS A 21 13.65 -6.77 9.75
C HIS A 21 12.99 -7.19 8.45
N LEU A 22 11.93 -7.99 8.56
CA LEU A 22 11.34 -8.58 7.37
C LEU A 22 10.02 -7.91 7.02
N THR A 23 9.95 -7.34 5.82
CA THR A 23 8.71 -6.77 5.31
C THR A 23 7.99 -7.80 4.46
N ILE A 24 6.67 -7.66 4.35
CA ILE A 24 5.85 -8.62 3.64
C ILE A 24 6.19 -8.70 2.15
N ASN A 25 6.25 -9.92 1.62
CA ASN A 25 6.44 -10.11 0.19
C ASN A 25 5.11 -9.85 -0.51
N ALA A 26 4.98 -8.66 -1.09
CA ALA A 26 3.71 -8.18 -1.62
C ALA A 26 3.15 -9.03 -2.76
N ALA A 27 4.02 -9.79 -3.42
CA ALA A 27 3.61 -10.57 -4.59
C ALA A 27 3.26 -12.02 -4.24
N SER A 28 3.33 -12.36 -2.96
CA SER A 28 3.09 -13.73 -2.52
C SER A 28 2.21 -13.81 -1.28
N ILE A 29 1.33 -12.84 -1.11
CA ILE A 29 0.41 -12.84 0.01
C ILE A 29 -0.74 -13.80 -0.27
N PRO A 30 -0.94 -14.79 0.61
CA PRO A 30 -1.97 -15.82 0.45
C PRO A 30 -3.37 -15.23 0.35
N SER A 31 -4.29 -15.98 -0.25
CA SER A 31 -5.68 -15.55 -0.34
C SER A 31 -6.56 -16.40 0.58
N GLY A 32 -7.80 -15.96 0.77
CA GLY A 32 -8.73 -16.70 1.60
C GLY A 32 -9.05 -15.97 2.90
N SER A 33 -9.92 -16.57 3.70
CA SER A 33 -10.34 -15.97 4.95
C SER A 33 -9.95 -16.83 6.15
N HIS A 34 -9.12 -17.84 5.89
CA HIS A 34 -8.65 -18.72 6.95
C HIS A 34 -7.29 -18.28 7.45
N LYS A 35 -7.02 -18.54 8.73
CA LYS A 35 -5.75 -18.20 9.34
C LYS A 35 -4.62 -19.01 8.72
N VAL A 36 -3.57 -18.33 8.30
CA VAL A 36 -2.43 -19.00 7.69
C VAL A 36 -1.12 -18.49 8.27
N THR A 37 -0.06 -19.28 8.14
CA THR A 37 1.28 -18.83 8.50
C THR A 37 1.93 -18.21 7.28
N LEU A 38 2.30 -16.94 7.37
CA LEU A 38 2.91 -16.23 6.25
C LEU A 38 4.25 -16.85 5.89
N SER A 39 4.44 -17.17 4.61
CA SER A 39 5.61 -17.93 4.19
C SER A 39 6.49 -17.20 3.17
N SER A 40 6.31 -15.88 3.08
CA SER A 40 7.07 -15.08 2.13
C SER A 40 7.29 -13.66 2.63
N TRP A 41 8.55 -13.33 2.90
CA TRP A 41 8.92 -12.00 3.32
C TRP A 41 10.12 -11.52 2.51
N TYR A 42 10.30 -10.21 2.45
CA TYR A 42 11.51 -9.63 1.88
C TYR A 42 12.60 -9.65 2.95
N HIS A 43 13.86 -9.83 2.53
CA HIS A 43 14.97 -9.89 3.47
C HIS A 43 16.13 -9.01 3.08
N ASP A 44 16.11 -8.49 1.85
CA ASP A 44 17.16 -7.62 1.35
C ASP A 44 16.61 -6.71 0.26
N ARG A 45 15.75 -5.78 0.66
CA ARG A 45 15.02 -4.96 -0.28
C ARG A 45 14.30 -3.85 0.49
N GLY A 46 14.60 -2.61 0.16
CA GLY A 46 14.01 -1.49 0.88
C GLY A 46 14.47 -1.46 2.33
N TRP A 47 13.52 -1.47 3.27
CA TRP A 47 13.88 -1.46 4.69
C TRP A 47 14.14 -2.88 5.18
N ALA A 48 13.88 -3.87 4.35
CA ALA A 48 14.09 -5.26 4.72
C ALA A 48 15.57 -5.59 4.79
N LYS A 49 15.98 -6.21 5.89
CA LYS A 49 17.38 -6.53 6.11
C LYS A 49 17.52 -7.71 7.06
N ILE A 50 18.59 -8.47 6.90
CA ILE A 50 18.84 -9.61 7.78
C ILE A 50 20.35 -9.81 7.97
N SER A 51 20.74 -10.25 9.16
CA SER A 51 22.16 -10.41 9.50
C SER A 51 22.35 -11.51 10.52
N ASN A 52 23.20 -12.48 10.19
CA ASN A 52 23.52 -13.60 11.07
C ASN A 52 22.29 -14.41 11.49
N MET A 53 21.21 -14.24 10.73
CA MET A 53 20.01 -15.06 10.89
C MET A 53 19.63 -15.60 9.53
N THR A 54 18.92 -16.72 9.49
CA THR A 54 18.49 -17.30 8.22
C THR A 54 16.97 -17.30 8.09
N LEU A 55 16.50 -17.10 6.86
CA LEU A 55 15.07 -17.06 6.58
C LEU A 55 14.68 -18.10 5.52
N SER A 56 13.76 -18.98 5.87
CA SER A 56 13.30 -20.00 4.94
C SER A 56 11.77 -20.10 4.95
N ASN A 57 11.13 -19.47 3.97
CA ASN A 57 9.69 -19.51 3.81
C ASN A 57 8.90 -19.06 5.04
N GLY A 58 9.18 -17.86 5.51
CA GLY A 58 8.43 -17.28 6.62
C GLY A 58 8.92 -17.73 7.98
N LYS A 59 9.95 -18.56 8.01
CA LYS A 59 10.52 -19.01 9.27
C LYS A 59 11.91 -18.40 9.51
N LEU A 60 11.93 -17.32 10.27
CA LEU A 60 13.17 -16.67 10.66
C LEU A 60 13.90 -17.53 11.67
N ARG A 61 14.98 -18.17 11.22
CA ARG A 61 15.73 -19.10 12.05
C ARG A 61 16.85 -18.41 12.82
N VAL A 62 16.95 -18.73 14.10
CA VAL A 62 17.99 -18.19 14.95
C VAL A 62 19.27 -18.99 14.81
N ASN A 63 20.38 -18.31 14.53
CA ASN A 63 21.66 -18.99 14.35
C ASN A 63 22.57 -18.85 15.57
N GLN A 64 22.25 -17.90 16.44
CA GLN A 64 23.09 -17.63 17.60
C GLN A 64 22.25 -17.42 18.86
N ASP A 65 22.58 -18.16 19.91
CA ASP A 65 21.91 -18.04 21.20
C ASP A 65 21.95 -16.62 21.71
N GLY A 66 20.95 -16.25 22.51
CA GLY A 66 20.89 -14.93 23.10
C GLY A 66 19.47 -14.48 23.42
N PHE A 67 19.36 -13.36 24.11
CA PHE A 67 18.06 -12.75 24.36
C PHE A 67 17.77 -11.74 23.26
N TYR A 68 16.70 -11.99 22.52
CA TYR A 68 16.31 -11.10 21.43
C TYR A 68 15.08 -10.31 21.80
N TYR A 69 14.91 -9.16 21.15
CA TYR A 69 13.64 -8.45 21.22
C TYR A 69 12.88 -8.73 19.94
N LEU A 70 11.69 -9.30 20.06
CA LEU A 70 10.85 -9.62 18.92
C LEU A 70 9.75 -8.58 18.77
N TYR A 71 9.46 -8.21 17.52
CA TYR A 71 8.39 -7.25 17.26
C TYR A 71 7.71 -7.55 15.94
N ALA A 72 6.45 -7.13 15.84
CA ALA A 72 5.67 -7.30 14.61
C ALA A 72 4.65 -6.19 14.47
N ASN A 73 4.53 -5.67 13.25
CA ASN A 73 3.49 -4.71 12.93
C ASN A 73 2.69 -5.25 11.77
N ILE A 74 1.39 -5.44 11.98
CA ILE A 74 0.52 -5.98 10.94
C ILE A 74 -0.62 -5.03 10.63
N CYS A 75 -0.76 -4.67 9.35
CA CYS A 75 -1.84 -3.78 8.92
C CYS A 75 -2.86 -4.49 8.04
N PHE A 76 -4.13 -4.31 8.39
CA PHE A 76 -5.23 -4.85 7.60
C PHE A 76 -5.96 -3.71 6.92
N ARG A 77 -6.32 -3.90 5.65
CA ARG A 77 -7.08 -2.90 4.92
C ARG A 77 -8.14 -3.51 4.01
N HIS A 78 -9.19 -2.75 3.74
CA HIS A 78 -10.21 -3.18 2.79
C HIS A 78 -10.87 -2.00 2.09
N HIS A 79 -10.90 -2.04 0.77
CA HIS A 79 -11.59 -1.03 -0.02
C HIS A 79 -12.85 -1.65 -0.61
N GLU A 80 -13.84 -0.82 -0.92
CA GLU A 80 -15.14 -1.32 -1.36
C GLU A 80 -15.12 -1.90 -2.77
N THR A 81 -14.10 -1.57 -3.55
CA THR A 81 -13.96 -2.11 -4.90
C THR A 81 -13.64 -3.60 -4.89
N SER A 82 -13.20 -4.11 -3.75
CA SER A 82 -12.86 -5.52 -3.62
C SER A 82 -14.08 -6.36 -3.30
N GLY A 83 -15.20 -5.69 -3.04
CA GLY A 83 -16.42 -6.38 -2.69
C GLY A 83 -16.89 -6.04 -1.29
N SER A 84 -17.34 -7.05 -0.56
CA SER A 84 -17.82 -6.87 0.81
C SER A 84 -17.33 -7.98 1.71
N VAL A 85 -17.11 -7.66 2.99
CA VAL A 85 -16.70 -8.65 3.97
C VAL A 85 -17.89 -9.41 4.53
N PRO A 86 -17.91 -10.74 4.30
CA PRO A 86 -19.05 -11.60 4.66
C PRO A 86 -19.01 -12.04 6.13
N THR A 87 -20.01 -12.84 6.52
CA THR A 87 -20.09 -13.46 7.85
C THR A 87 -20.29 -12.47 9.01
N ASP A 88 -19.98 -11.19 8.77
CA ASP A 88 -20.11 -10.12 9.76
C ASP A 88 -19.16 -10.25 10.96
N TYR A 89 -18.84 -11.48 11.35
CA TYR A 89 -17.87 -11.70 12.42
C TYR A 89 -16.45 -11.55 11.91
N LEU A 90 -15.75 -10.53 12.39
CA LEU A 90 -14.42 -10.21 11.90
C LEU A 90 -13.44 -10.00 13.05
N GLN A 91 -12.48 -10.90 13.19
CA GLN A 91 -11.47 -10.77 14.23
C GLN A 91 -10.07 -10.75 13.62
N LEU A 92 -9.53 -9.55 13.44
CA LEU A 92 -8.19 -9.37 12.88
C LEU A 92 -7.13 -9.63 13.95
N MET A 93 -6.36 -10.70 13.76
CA MET A 93 -5.39 -11.14 14.77
C MET A 93 -3.99 -11.37 14.21
N VAL A 94 -2.99 -11.33 15.10
CA VAL A 94 -1.63 -11.71 14.75
C VAL A 94 -1.01 -12.55 15.86
N TYR A 95 -0.40 -13.66 15.48
CA TYR A 95 0.28 -14.52 16.44
C TYR A 95 1.75 -14.65 16.06
N VAL A 96 2.64 -14.26 16.97
CA VAL A 96 4.07 -14.49 16.77
C VAL A 96 4.42 -15.84 17.39
N VAL A 97 4.86 -16.78 16.56
CA VAL A 97 5.00 -18.17 16.98
C VAL A 97 6.44 -18.66 16.95
N LYS A 98 6.84 -19.39 17.99
CA LYS A 98 8.16 -20.01 18.02
C LYS A 98 8.09 -21.51 17.73
N THR A 99 8.57 -21.90 16.56
CA THR A 99 8.66 -23.31 16.20
C THR A 99 10.06 -23.82 16.48
N SER A 100 10.32 -25.07 16.09
CA SER A 100 11.64 -25.65 16.27
C SER A 100 11.80 -26.88 15.38
N ILE A 101 13.02 -27.09 14.88
CA ILE A 101 13.30 -28.22 14.00
C ILE A 101 13.61 -29.50 14.78
N LYS A 102 13.21 -29.52 16.04
CA LYS A 102 13.40 -30.70 16.88
C LYS A 102 12.07 -31.13 17.50
N ILE A 103 11.16 -30.18 17.65
CA ILE A 103 9.82 -30.47 18.15
C ILE A 103 8.76 -29.97 17.17
N PRO A 104 7.87 -30.88 16.72
CA PRO A 104 6.83 -30.59 15.73
C PRO A 104 5.88 -29.47 16.13
N SER A 105 5.37 -29.52 17.36
CA SER A 105 4.40 -28.53 17.82
C SER A 105 5.00 -27.13 17.95
N SER A 106 4.18 -26.12 17.66
CA SER A 106 4.61 -24.73 17.75
C SER A 106 3.87 -24.02 18.89
N HIS A 107 4.44 -22.92 19.36
CA HIS A 107 3.87 -22.21 20.51
C HIS A 107 3.87 -20.69 20.33
N ASN A 108 2.76 -20.06 20.71
CA ASN A 108 2.61 -18.62 20.61
C ASN A 108 3.47 -17.87 21.63
N LEU A 109 4.24 -16.89 21.15
CA LEU A 109 5.04 -16.05 22.03
C LEU A 109 4.28 -14.79 22.36
N MET A 110 3.68 -14.19 21.34
CA MET A 110 2.92 -12.95 21.49
C MET A 110 1.64 -13.00 20.68
N LYS A 111 0.61 -12.31 21.17
CA LYS A 111 -0.69 -12.29 20.51
C LYS A 111 -1.27 -10.87 20.54
N GLY A 112 -1.85 -10.45 19.42
CA GLY A 112 -2.46 -9.13 19.35
C GLY A 112 -3.57 -9.06 18.31
N GLY A 113 -4.42 -8.06 18.43
CA GLY A 113 -5.50 -7.87 17.48
C GLY A 113 -6.77 -7.32 18.07
N SER A 114 -7.83 -7.33 17.27
CA SER A 114 -9.11 -6.77 17.68
C SER A 114 -10.27 -7.28 16.84
N THR A 115 -11.42 -7.46 17.48
CA THR A 115 -12.64 -7.72 16.73
C THR A 115 -13.10 -6.41 16.11
N LYS A 116 -13.58 -6.47 14.87
CA LYS A 116 -13.94 -5.26 14.15
C LYS A 116 -15.29 -5.36 13.47
N ASN A 117 -15.92 -4.20 13.28
CA ASN A 117 -17.14 -4.09 12.50
C ASN A 117 -16.87 -3.27 11.24
N TRP A 118 -16.66 -3.96 10.13
CA TRP A 118 -16.34 -3.28 8.87
C TRP A 118 -17.51 -3.34 7.89
N SER A 119 -18.72 -3.30 8.43
CA SER A 119 -19.93 -3.38 7.61
C SER A 119 -20.54 -2.01 7.34
N GLY A 120 -19.76 -0.97 7.63
CA GLY A 120 -20.22 0.39 7.44
C GLY A 120 -20.35 0.79 5.98
N ASN A 121 -20.68 2.05 5.74
CA ASN A 121 -20.86 2.57 4.39
C ASN A 121 -19.62 3.28 3.86
N SER A 122 -18.58 3.35 4.69
CA SER A 122 -17.32 3.97 4.29
C SER A 122 -16.65 3.14 3.18
N GLU A 123 -15.88 3.82 2.34
CA GLU A 123 -15.25 3.16 1.19
C GLU A 123 -13.95 2.45 1.57
N PHE A 124 -13.38 2.82 2.70
CA PHE A 124 -12.10 2.24 3.12
C PHE A 124 -12.09 1.95 4.61
N HIS A 125 -11.58 0.78 4.98
CA HIS A 125 -11.42 0.39 6.37
C HIS A 125 -9.97 -0.01 6.63
N PHE A 126 -9.43 0.42 7.76
CA PHE A 126 -8.03 0.17 8.08
C PHE A 126 -7.84 -0.15 9.56
N TYR A 127 -6.87 -1.03 9.85
CA TYR A 127 -6.53 -1.37 11.23
C TYR A 127 -5.13 -1.97 11.32
N SER A 128 -4.35 -1.51 12.29
CA SER A 128 -2.99 -2.01 12.46
C SER A 128 -2.78 -2.64 13.85
N ILE A 129 -1.99 -3.69 13.90
CA ILE A 129 -1.63 -4.31 15.17
C ILE A 129 -0.13 -4.21 15.41
N ASN A 130 0.26 -4.07 16.67
CA ASN A 130 1.67 -4.04 17.04
C ASN A 130 1.93 -4.87 18.27
N VAL A 131 2.97 -5.70 18.22
CA VAL A 131 3.37 -6.50 19.37
C VAL A 131 4.89 -6.44 19.55
N GLY A 132 5.33 -6.55 20.80
CA GLY A 132 6.75 -6.51 21.11
C GLY A 132 7.06 -7.28 22.38
N GLY A 133 8.19 -7.97 22.39
CA GLY A 133 8.57 -8.78 23.54
C GLY A 133 10.04 -9.13 23.62
N PHE A 134 10.50 -9.39 24.83
CA PHE A 134 11.89 -9.76 25.10
C PHE A 134 11.94 -11.25 25.38
N PHE A 135 12.55 -12.02 24.49
CA PHE A 135 12.54 -13.47 24.61
C PHE A 135 13.93 -14.11 24.57
N LYS A 136 14.04 -15.28 25.19
CA LYS A 136 15.27 -16.06 25.18
C LYS A 136 15.24 -17.08 24.05
N LEU A 137 16.12 -16.90 23.07
CA LEU A 137 16.11 -17.77 21.89
C LEU A 137 17.40 -18.58 21.74
N ARG A 138 17.24 -19.83 21.34
CA ARG A 138 18.37 -20.72 21.09
C ARG A 138 18.56 -20.93 19.60
N ALA A 139 19.77 -21.28 19.19
CA ALA A 139 20.06 -21.59 17.80
C ALA A 139 19.24 -22.80 17.35
N GLY A 140 18.61 -22.68 16.20
CA GLY A 140 17.76 -23.74 15.69
C GLY A 140 16.28 -23.38 15.81
N GLU A 141 15.96 -22.57 16.81
CA GLU A 141 14.58 -22.13 17.00
C GLU A 141 14.17 -21.14 15.91
N GLU A 142 12.91 -21.20 15.51
CA GLU A 142 12.42 -20.38 14.41
C GLU A 142 11.22 -19.53 14.82
N ILE A 143 11.16 -18.31 14.30
CA ILE A 143 10.06 -17.40 14.58
C ILE A 143 9.22 -17.23 13.31
N SER A 144 7.91 -17.35 13.44
CA SER A 144 7.02 -17.16 12.30
C SER A 144 5.80 -16.33 12.66
N ILE A 145 5.19 -15.73 11.64
CA ILE A 145 4.01 -14.90 11.84
C ILE A 145 2.80 -15.57 11.20
N GLN A 146 1.69 -15.60 11.91
CA GLN A 146 0.43 -16.05 11.32
C GLN A 146 -0.66 -15.02 11.55
N VAL A 147 -1.46 -14.78 10.51
CA VAL A 147 -2.53 -13.79 10.58
C VAL A 147 -3.88 -14.41 10.24
N SER A 148 -4.95 -13.79 10.72
CA SER A 148 -6.30 -14.34 10.59
C SER A 148 -6.88 -14.17 9.19
N ASN A 149 -6.74 -12.97 8.63
CA ASN A 149 -7.32 -12.67 7.32
C ASN A 149 -6.28 -12.18 6.33
N PRO A 150 -5.57 -13.12 5.69
CA PRO A 150 -4.48 -12.79 4.77
C PRO A 150 -4.93 -11.97 3.56
N SER A 151 -6.19 -12.11 3.16
CA SER A 151 -6.73 -11.37 2.02
C SER A 151 -6.93 -9.90 2.33
N LEU A 152 -6.76 -9.53 3.61
CA LEU A 152 -6.92 -8.14 4.03
C LEU A 152 -5.59 -7.48 4.36
N LEU A 153 -4.50 -8.24 4.16
CA LEU A 153 -3.15 -7.76 4.48
C LEU A 153 -2.71 -6.58 3.63
N ASP A 154 -2.09 -5.60 4.27
CA ASP A 154 -1.54 -4.45 3.57
C ASP A 154 -0.15 -4.82 3.04
N PRO A 155 0.04 -4.74 1.71
CA PRO A 155 1.29 -5.15 1.08
C PRO A 155 2.45 -4.16 1.28
N ASP A 156 2.17 -2.99 1.84
CA ASP A 156 3.20 -1.95 2.01
C ASP A 156 4.32 -2.38 2.96
N GLN A 157 5.55 -1.94 2.66
CA GLN A 157 6.70 -2.35 3.46
C GLN A 157 6.75 -1.63 4.82
N ASP A 158 6.04 -0.52 4.92
CA ASP A 158 5.99 0.22 6.18
C ASP A 158 4.80 -0.24 7.01
N ALA A 159 3.99 -1.10 6.44
CA ALA A 159 2.75 -1.54 7.06
C ALA A 159 2.86 -2.91 7.72
N THR A 160 3.27 -3.90 6.94
CA THR A 160 3.30 -5.28 7.42
C THR A 160 4.71 -5.82 7.51
N TYR A 161 5.20 -5.99 8.73
CA TYR A 161 6.57 -6.45 8.94
C TYR A 161 6.77 -7.09 10.31
N PHE A 162 7.85 -7.85 10.44
CA PHE A 162 8.25 -8.37 11.74
C PHE A 162 9.76 -8.51 11.78
N GLY A 163 10.32 -8.44 12.97
CA GLY A 163 11.76 -8.41 13.09
C GLY A 163 12.27 -8.87 14.44
N ALA A 164 13.59 -8.80 14.60
CA ALA A 164 14.25 -9.28 15.80
C ALA A 164 15.65 -8.70 15.85
N PHE A 165 16.15 -8.46 17.05
CA PHE A 165 17.54 -8.07 17.22
C PHE A 165 18.06 -8.51 18.59
N LYS A 166 19.28 -9.02 18.61
CA LYS A 166 19.88 -9.51 19.85
C LYS A 166 20.27 -8.34 20.75
N VAL A 167 19.96 -8.48 22.03
CA VAL A 167 20.28 -7.45 23.01
C VAL A 167 21.42 -7.90 23.93
N GLN A 168 21.26 -9.08 24.51
CA GLN A 168 22.24 -9.61 25.45
C GLN A 168 22.58 -11.05 25.13
N ASP A 169 23.65 -11.56 25.73
CA ASP A 169 24.04 -12.95 25.59
C ASP A 169 23.41 -13.78 26.71
N ILE A 170 23.29 -15.08 26.48
CA ILE A 170 22.69 -15.97 27.46
C ILE A 170 23.62 -16.26 28.62
N ASP A 171 24.85 -16.67 28.29
CA ASP A 171 25.86 -17.06 29.28
C ASP A 171 25.38 -18.21 30.15
N CYS B 5 33.33 21.60 -4.13
CA CYS B 5 33.52 21.73 -5.57
C CYS B 5 32.19 21.90 -6.29
N THR B 6 31.99 21.14 -7.37
CA THR B 6 30.76 21.21 -8.15
C THR B 6 29.58 20.70 -7.32
N GLN B 7 28.52 21.49 -7.28
CA GLN B 7 27.33 21.16 -6.50
C GLN B 7 26.55 19.99 -7.11
N GLU B 8 26.54 19.91 -8.44
CA GLU B 8 25.84 18.84 -9.13
C GLU B 8 26.79 17.70 -9.50
N ARG B 9 26.32 16.47 -9.33
CA ARG B 9 27.07 15.26 -9.69
C ARG B 9 28.37 15.08 -8.92
N HIS B 10 28.58 15.89 -7.89
CA HIS B 10 29.79 15.81 -7.07
C HIS B 10 29.49 16.11 -5.60
N TYR B 11 30.30 15.54 -4.72
CA TYR B 11 30.18 15.80 -3.28
C TYR B 11 31.55 15.72 -2.61
N GLU B 12 31.76 16.57 -1.61
CA GLU B 12 33.03 16.60 -0.89
C GLU B 12 33.02 15.68 0.33
N HIS B 13 34.10 14.92 0.49
CA HIS B 13 34.25 14.01 1.62
C HIS B 13 35.72 13.77 1.91
N LEU B 14 36.10 13.94 3.18
CA LEU B 14 37.49 13.82 3.61
C LEU B 14 38.41 14.74 2.82
N GLY B 15 37.96 15.97 2.58
CA GLY B 15 38.75 16.96 1.89
C GLY B 15 38.65 16.90 0.39
N ARG B 16 38.93 15.73 -0.18
CA ARG B 16 38.91 15.54 -1.63
C ARG B 16 37.50 15.63 -2.21
N CYS B 17 37.44 15.88 -3.52
CA CYS B 17 36.16 15.99 -4.21
C CYS B 17 35.81 14.70 -4.95
N CYS B 18 34.75 14.05 -4.50
CA CYS B 18 34.32 12.79 -5.11
C CYS B 18 33.12 12.98 -6.03
N SER B 19 32.87 12.00 -6.89
CA SER B 19 31.75 12.06 -7.81
C SER B 19 30.57 11.25 -7.30
N ARG B 20 29.36 11.79 -7.48
CA ARG B 20 28.15 11.11 -7.02
C ARG B 20 27.80 9.92 -7.91
N CYS B 21 26.72 9.23 -7.57
CA CYS B 21 26.25 8.09 -8.34
C CYS B 21 25.10 8.49 -9.26
N GLU B 22 25.14 8.02 -10.50
CA GLU B 22 24.09 8.30 -11.47
C GLU B 22 22.80 7.58 -11.07
N PRO B 23 21.65 8.14 -11.47
CA PRO B 23 20.36 7.48 -11.25
C PRO B 23 20.37 6.05 -11.79
N GLY B 24 19.93 5.10 -10.97
CA GLY B 24 19.98 3.69 -11.33
C GLY B 24 21.09 2.99 -10.58
N LYS B 25 21.93 3.76 -9.91
CA LYS B 25 23.01 3.21 -9.10
C LYS B 25 23.04 3.81 -7.70
N TYR B 26 23.50 3.02 -6.73
CA TYR B 26 23.64 3.49 -5.36
C TYR B 26 25.11 3.54 -4.93
N LEU B 27 25.38 4.30 -3.87
CA LEU B 27 26.73 4.44 -3.36
C LEU B 27 27.11 3.27 -2.44
N SER B 28 27.70 2.23 -3.03
CA SER B 28 28.10 1.05 -2.28
C SER B 28 29.13 1.38 -1.21
N SER B 29 30.21 2.03 -1.62
CA SER B 29 31.24 2.49 -0.70
C SER B 29 31.74 3.87 -1.13
N LYS B 30 31.78 4.81 -0.20
CA LYS B 30 32.20 6.17 -0.50
C LYS B 30 33.69 6.24 -0.81
N CYS B 31 34.14 7.41 -1.26
CA CYS B 31 35.53 7.59 -1.71
C CYS B 31 36.56 7.36 -0.62
N THR B 32 37.56 6.55 -0.94
CA THR B 32 38.71 6.33 -0.07
C THR B 32 39.82 7.29 -0.51
N PRO B 33 40.88 7.43 0.30
CA PRO B 33 42.00 8.29 -0.13
C PRO B 33 42.71 7.77 -1.39
N THR B 34 42.43 6.52 -1.77
CA THR B 34 43.12 5.91 -2.91
C THR B 34 42.17 5.49 -4.05
N SER B 35 40.90 5.87 -3.95
CA SER B 35 39.93 5.54 -4.98
C SER B 35 38.71 6.47 -4.95
N ASP B 36 37.93 6.44 -6.01
CA ASP B 36 36.73 7.26 -6.09
C ASP B 36 35.52 6.47 -5.60
N SER B 37 34.34 7.06 -5.71
CA SER B 37 33.09 6.43 -5.30
C SER B 37 32.81 5.16 -6.10
N VAL B 38 32.47 4.08 -5.40
CA VAL B 38 32.10 2.83 -6.06
C VAL B 38 30.57 2.73 -6.14
N CYS B 39 30.05 2.75 -7.37
CA CYS B 39 28.60 2.76 -7.58
C CYS B 39 28.09 1.48 -8.23
N LEU B 40 27.18 0.79 -7.54
CA LEU B 40 26.59 -0.44 -8.05
C LEU B 40 25.15 -0.19 -8.51
N PRO B 41 24.68 -0.94 -9.51
CA PRO B 41 23.32 -0.74 -10.03
C PRO B 41 22.25 -1.16 -9.04
N CYS B 42 21.08 -0.51 -9.11
CA CYS B 42 19.96 -0.85 -8.25
C CYS B 42 19.45 -2.27 -8.52
N GLY B 43 19.11 -2.98 -7.46
CA GLY B 43 18.60 -4.34 -7.59
C GLY B 43 17.20 -4.40 -8.18
N PRO B 44 16.60 -5.60 -8.17
CA PRO B 44 15.24 -5.82 -8.68
C PRO B 44 14.21 -4.97 -7.95
N ASP B 45 13.31 -4.35 -8.70
CA ASP B 45 12.21 -3.56 -8.15
C ASP B 45 12.67 -2.33 -7.37
N GLU B 46 13.96 -2.02 -7.42
CA GLU B 46 14.51 -0.86 -6.73
C GLU B 46 14.82 0.25 -7.71
N TYR B 47 15.03 1.47 -7.19
CA TYR B 47 15.27 2.62 -8.05
C TYR B 47 15.91 3.79 -7.32
N LEU B 48 16.60 4.63 -8.08
CA LEU B 48 17.08 5.93 -7.62
C LEU B 48 16.97 6.92 -8.78
N ASP B 49 16.33 8.06 -8.53
CA ASP B 49 15.95 8.96 -9.61
C ASP B 49 16.89 10.15 -9.79
N THR B 50 17.75 10.39 -8.80
CA THR B 50 18.65 11.53 -8.84
C THR B 50 20.12 11.11 -8.73
N TRP B 51 21.02 12.08 -8.85
CA TRP B 51 22.43 11.85 -8.60
C TRP B 51 22.66 11.85 -7.10
N ASN B 52 22.91 10.67 -6.55
CA ASN B 52 22.82 10.45 -5.11
C ASN B 52 24.10 10.02 -4.43
N GLU B 53 23.97 9.72 -3.14
CA GLU B 53 25.05 9.15 -2.35
C GLU B 53 24.43 8.20 -1.33
N GLU B 54 23.31 7.60 -1.70
CA GLU B 54 22.55 6.72 -0.82
C GLU B 54 23.20 5.36 -0.65
N ASP B 55 23.08 4.80 0.56
CA ASP B 55 23.63 3.49 0.87
C ASP B 55 22.92 2.39 0.10
N LYS B 56 21.63 2.56 -0.10
CA LYS B 56 20.82 1.57 -0.82
C LYS B 56 19.74 2.25 -1.65
N CYS B 57 19.18 1.51 -2.60
CA CYS B 57 18.15 2.03 -3.47
C CYS B 57 16.78 2.00 -2.80
N LEU B 58 15.89 2.88 -3.26
CA LEU B 58 14.52 2.92 -2.76
C LEU B 58 13.69 1.81 -3.41
N LEU B 59 12.77 1.24 -2.65
CA LEU B 59 11.88 0.21 -3.17
C LEU B 59 10.62 0.85 -3.78
N HIS B 60 10.23 0.38 -4.96
CA HIS B 60 9.05 0.89 -5.65
C HIS B 60 7.79 0.71 -4.81
N LYS B 61 6.94 1.73 -4.79
CA LYS B 61 5.68 1.66 -4.05
C LYS B 61 4.80 0.57 -4.63
N VAL B 62 3.95 -0.01 -3.79
CA VAL B 62 3.05 -1.06 -4.23
C VAL B 62 1.70 -0.46 -4.62
N CYS B 63 1.35 -0.56 -5.90
CA CYS B 63 0.04 -0.12 -6.38
C CYS B 63 -1.00 -1.16 -5.99
N ASP B 64 -1.39 -1.14 -4.72
CA ASP B 64 -2.30 -2.14 -4.18
C ASP B 64 -3.70 -2.02 -4.76
N ALA B 65 -4.18 -3.08 -5.42
CA ALA B 65 -5.54 -3.10 -5.93
C ALA B 65 -6.53 -3.09 -4.76
N GLY B 66 -6.07 -3.59 -3.62
CA GLY B 66 -6.86 -3.60 -2.40
C GLY B 66 -7.09 -2.21 -1.84
N LYS B 67 -6.33 -1.24 -2.33
CA LYS B 67 -6.54 0.15 -1.96
C LYS B 67 -7.17 0.89 -3.14
N ALA B 68 -7.64 0.12 -4.12
CA ALA B 68 -8.19 0.64 -5.37
C ALA B 68 -7.15 1.45 -6.16
N LEU B 69 -5.89 1.06 -6.04
CA LEU B 69 -4.82 1.71 -6.78
C LEU B 69 -4.44 0.90 -8.02
N VAL B 70 -4.03 1.62 -9.06
CA VAL B 70 -3.57 0.98 -10.29
C VAL B 70 -2.35 1.74 -10.83
N ALA B 71 -1.43 1.01 -11.46
CA ALA B 71 -0.21 1.62 -11.97
C ALA B 71 -0.40 2.25 -13.34
N VAL B 72 -0.05 3.52 -13.45
CA VAL B 72 -0.03 4.21 -14.74
C VAL B 72 1.22 3.80 -15.50
N ASP B 73 2.37 3.89 -14.83
CA ASP B 73 3.62 3.37 -15.37
C ASP B 73 4.42 2.68 -14.26
N PRO B 74 5.02 1.52 -14.58
CA PRO B 74 5.72 0.72 -13.58
C PRO B 74 7.04 1.33 -13.10
N GLY B 75 7.61 2.23 -13.89
CA GLY B 75 8.88 2.86 -13.54
C GLY B 75 10.08 1.96 -13.73
N ASN B 76 11.24 2.58 -13.95
CA ASN B 76 12.49 1.85 -14.18
C ASN B 76 13.36 1.86 -12.93
N HIS B 77 14.67 1.63 -13.12
CA HIS B 77 15.64 1.72 -12.05
C HIS B 77 16.02 3.17 -11.78
N THR B 78 15.54 4.07 -12.64
CA THR B 78 15.82 5.48 -12.50
C THR B 78 14.51 6.25 -12.34
N ALA B 79 13.42 5.51 -12.13
CA ALA B 79 12.09 6.09 -12.16
C ALA B 79 11.13 5.58 -11.09
N PRO B 80 10.41 6.49 -10.43
CA PRO B 80 9.41 6.10 -9.43
C PRO B 80 8.16 5.54 -10.10
N ARG B 81 7.62 4.47 -9.53
CA ARG B 81 6.35 3.91 -10.00
C ARG B 81 5.24 4.88 -9.64
N ARG B 82 4.32 5.11 -10.58
CA ARG B 82 3.24 6.06 -10.34
C ARG B 82 1.88 5.38 -10.29
N CYS B 83 1.13 5.66 -9.23
CA CYS B 83 -0.15 5.01 -9.01
C CYS B 83 -1.31 5.99 -9.15
N ALA B 84 -2.50 5.45 -9.37
CA ALA B 84 -3.70 6.26 -9.46
C ALA B 84 -4.89 5.48 -8.93
N CYS B 85 -5.85 6.17 -8.35
CA CYS B 85 -7.08 5.54 -7.90
C CYS B 85 -7.92 5.14 -9.10
N THR B 86 -8.49 3.94 -9.05
CA THR B 86 -9.30 3.43 -10.15
C THR B 86 -10.56 4.26 -10.38
N ALA B 87 -11.35 3.88 -11.38
CA ALA B 87 -12.51 4.65 -11.81
C ALA B 87 -13.51 4.93 -10.69
N GLY B 88 -13.83 6.20 -10.49
CA GLY B 88 -14.82 6.59 -9.50
C GLY B 88 -14.24 7.03 -8.17
N TYR B 89 -12.91 7.02 -8.09
CA TYR B 89 -12.23 7.38 -6.85
C TYR B 89 -11.08 8.34 -7.11
N HIS B 90 -10.79 9.20 -6.14
CA HIS B 90 -9.67 10.13 -6.23
C HIS B 90 -8.77 9.97 -5.02
N TRP B 91 -7.47 10.22 -5.22
CA TRP B 91 -6.50 10.12 -4.13
C TRP B 91 -6.64 11.27 -3.15
N ASN B 92 -6.64 10.94 -1.86
CA ASN B 92 -6.71 11.94 -0.80
C ASN B 92 -5.42 11.91 0.02
N SER B 93 -4.72 13.04 0.07
CA SER B 93 -3.40 13.09 0.70
C SER B 93 -3.47 12.92 2.21
N ASP B 94 -4.57 13.37 2.82
CA ASP B 94 -4.73 13.28 4.27
C ASP B 94 -4.84 11.85 4.77
N CYS B 95 -5.63 11.02 4.08
CA CYS B 95 -5.83 9.64 4.51
C CYS B 95 -4.95 8.68 3.73
N GLU B 96 -4.29 9.20 2.69
CA GLU B 96 -3.47 8.39 1.78
C GLU B 96 -4.26 7.19 1.26
N CYS B 97 -5.48 7.45 0.82
CA CYS B 97 -6.35 6.40 0.30
C CYS B 97 -7.20 6.93 -0.85
N CYS B 98 -7.88 6.00 -1.53
CA CYS B 98 -8.75 6.35 -2.63
C CYS B 98 -10.17 6.62 -2.14
N ARG B 99 -10.48 7.90 -1.93
CA ARG B 99 -11.80 8.30 -1.45
C ARG B 99 -12.82 8.33 -2.58
N ARG B 100 -14.07 8.06 -2.22
CA ARG B 100 -15.17 8.06 -3.18
C ARG B 100 -15.40 9.46 -3.76
N ASN B 101 -15.60 9.54 -5.07
CA ASN B 101 -15.81 10.82 -5.74
C ASN B 101 -17.10 11.52 -5.32
N THR B 102 -17.06 12.85 -5.30
CA THR B 102 -18.19 13.64 -4.84
C THR B 102 -19.35 13.58 -5.82
N GLU B 103 -20.53 13.28 -5.30
CA GLU B 103 -21.73 13.23 -6.12
C GLU B 103 -22.28 14.61 -6.40
N CYS B 104 -22.76 14.83 -7.62
CA CYS B 104 -23.34 16.09 -8.01
C CYS B 104 -24.85 16.06 -7.81
N ALA B 105 -25.36 17.00 -7.03
CA ALA B 105 -26.77 17.05 -6.68
C ALA B 105 -27.63 17.39 -7.89
N PRO B 106 -28.95 17.07 -7.82
CA PRO B 106 -29.88 17.50 -8.86
C PRO B 106 -29.79 18.99 -9.13
N GLY B 107 -29.72 19.36 -10.41
CA GLY B 107 -29.52 20.75 -10.80
C GLY B 107 -28.06 20.99 -11.14
N PHE B 108 -27.24 19.97 -10.87
CA PHE B 108 -25.81 20.05 -11.14
C PHE B 108 -25.36 18.78 -11.85
N GLY B 109 -24.38 18.92 -12.74
CA GLY B 109 -23.86 17.78 -13.47
C GLY B 109 -22.36 17.63 -13.34
N ALA B 110 -21.87 16.41 -13.51
CA ALA B 110 -20.44 16.14 -13.44
C ALA B 110 -19.76 16.63 -14.70
N GLN B 111 -18.82 17.56 -14.55
CA GLN B 111 -18.10 18.12 -15.69
C GLN B 111 -17.28 17.05 -16.41
N HIS B 112 -17.34 17.06 -17.74
CA HIS B 112 -16.56 16.15 -18.56
C HIS B 112 -15.51 16.91 -19.38
N PRO B 113 -14.39 16.25 -19.73
CA PRO B 113 -14.04 14.85 -19.45
C PRO B 113 -13.69 14.60 -17.98
N LEU B 114 -14.07 13.42 -17.49
CA LEU B 114 -13.75 13.03 -16.11
C LEU B 114 -12.26 12.75 -15.98
N GLN B 115 -11.65 13.35 -14.95
CA GLN B 115 -10.22 13.19 -14.72
C GLN B 115 -9.89 11.82 -14.14
N LEU B 116 -8.64 11.39 -14.31
CA LEU B 116 -8.20 10.06 -13.90
C LEU B 116 -8.17 9.88 -12.38
N ASN B 117 -7.39 10.70 -11.70
CA ASN B 117 -7.15 10.52 -10.27
C ASN B 117 -7.66 11.70 -9.46
N LYS B 118 -8.54 12.48 -10.08
CA LYS B 118 -9.06 13.69 -9.43
C LYS B 118 -10.55 13.56 -9.11
N ASP B 119 -11.00 14.39 -8.17
CA ASP B 119 -12.39 14.35 -7.71
C ASP B 119 -13.32 15.00 -8.73
N THR B 120 -14.59 14.62 -8.69
CA THR B 120 -15.59 15.13 -9.62
C THR B 120 -15.86 16.62 -9.41
N VAL B 121 -15.86 17.38 -10.50
CA VAL B 121 -16.20 18.79 -10.47
C VAL B 121 -17.67 18.99 -10.82
N CYS B 122 -18.42 19.67 -9.95
CA CYS B 122 -19.84 19.86 -10.17
C CYS B 122 -20.18 21.21 -10.78
N THR B 123 -20.88 21.18 -11.91
CA THR B 123 -21.26 22.39 -12.63
C THR B 123 -22.78 22.47 -12.73
N PRO B 124 -23.34 23.66 -12.45
CA PRO B 124 -24.79 23.88 -12.58
C PRO B 124 -25.30 23.57 -13.99
N CYS B 125 -26.52 23.06 -14.06
CA CYS B 125 -27.13 22.74 -15.35
C CYS B 125 -27.52 24.01 -16.11
N LEU B 126 -27.08 24.10 -17.36
CA LEU B 126 -27.39 25.26 -18.19
C LEU B 126 -28.83 25.22 -18.69
N LEU B 127 -29.21 26.24 -19.45
CA LEU B 127 -30.55 26.30 -20.02
C LEU B 127 -30.76 25.18 -21.03
N GLY B 128 -31.85 24.44 -20.87
CA GLY B 128 -32.18 23.36 -21.78
C GLY B 128 -31.66 22.01 -21.31
N PHE B 129 -31.02 22.01 -20.14
CA PHE B 129 -30.45 20.79 -19.58
C PHE B 129 -30.91 20.61 -18.14
N PHE B 130 -30.89 19.37 -17.67
CA PHE B 130 -31.34 19.08 -16.32
C PHE B 130 -30.62 17.89 -15.72
N SER B 131 -30.65 17.81 -14.39
CA SER B 131 -30.16 16.65 -13.67
C SER B 131 -31.10 16.36 -12.52
N ASP B 132 -31.61 15.15 -12.46
CA ASP B 132 -32.61 14.79 -11.45
C ASP B 132 -32.06 13.79 -10.44
N VAL B 133 -30.75 13.59 -10.45
CA VAL B 133 -30.14 12.59 -9.59
C VAL B 133 -28.89 13.09 -8.89
N PHE B 134 -28.46 12.34 -7.88
CA PHE B 134 -27.16 12.53 -7.26
C PHE B 134 -26.19 11.58 -7.93
N SER B 135 -25.20 12.11 -8.64
CA SER B 135 -24.25 11.27 -9.34
C SER B 135 -22.90 11.96 -9.51
N SER B 136 -21.83 11.18 -9.38
CA SER B 136 -20.48 11.69 -9.56
C SER B 136 -20.00 11.48 -10.99
N THR B 137 -20.82 10.81 -11.79
CA THR B 137 -20.47 10.51 -13.18
C THR B 137 -21.43 11.16 -14.16
N ASP B 138 -22.73 11.06 -13.89
CA ASP B 138 -23.76 11.58 -14.79
C ASP B 138 -23.69 13.10 -14.91
N LYS B 139 -23.62 13.59 -16.15
CA LYS B 139 -23.64 15.02 -16.40
C LYS B 139 -25.05 15.50 -16.69
N CYS B 140 -25.19 16.80 -16.95
CA CYS B 140 -26.49 17.38 -17.26
C CYS B 140 -27.01 16.85 -18.59
N LYS B 141 -28.14 16.17 -18.56
CA LYS B 141 -28.74 15.63 -19.78
C LYS B 141 -29.78 16.60 -20.35
N PRO B 142 -29.87 16.66 -21.69
CA PRO B 142 -30.79 17.58 -22.37
C PRO B 142 -32.25 17.19 -22.14
N TRP B 143 -33.14 18.18 -22.16
CA TRP B 143 -34.57 17.95 -22.07
C TRP B 143 -35.05 17.03 -23.18
N THR B 144 -36.08 16.24 -22.90
CA THR B 144 -36.68 15.38 -23.91
C THR B 144 -37.38 16.22 -24.96
N ASN B 145 -37.11 15.94 -26.23
CA ASN B 145 -37.82 16.59 -27.33
C ASN B 145 -39.14 15.88 -27.61
N CYS B 146 -40.24 16.57 -27.31
CA CYS B 146 -41.57 15.96 -27.37
C CYS B 146 -41.96 15.51 -28.77
N THR B 147 -41.38 16.14 -29.78
CA THR B 147 -41.62 15.79 -31.17
C THR B 147 -41.19 14.35 -31.47
N LEU B 148 -40.10 13.92 -30.85
CA LEU B 148 -39.57 12.57 -31.06
C LEU B 148 -40.53 11.51 -30.53
N LEU B 149 -41.41 11.91 -29.62
CA LEU B 149 -42.37 10.98 -29.02
C LEU B 149 -43.74 11.12 -29.67
N GLY B 150 -43.83 12.00 -30.66
CA GLY B 150 -45.09 12.27 -31.32
C GLY B 150 -46.06 12.97 -30.41
N LYS B 151 -45.52 13.80 -29.52
CA LYS B 151 -46.33 14.52 -28.55
C LYS B 151 -46.01 16.01 -28.59
N LEU B 152 -46.52 16.75 -27.61
CA LEU B 152 -46.30 18.19 -27.53
C LEU B 152 -45.79 18.61 -26.16
N GLU B 153 -45.04 19.71 -26.12
CA GLU B 153 -44.50 20.21 -24.86
C GLU B 153 -45.57 20.87 -24.00
N ALA B 154 -46.09 20.12 -23.04
CA ALA B 154 -47.09 20.65 -22.12
C ALA B 154 -46.48 21.72 -21.21
N HIS B 155 -45.62 21.30 -20.30
CA HIS B 155 -44.94 22.23 -19.39
C HIS B 155 -43.43 22.17 -19.60
N GLN B 156 -42.81 23.35 -19.61
CA GLN B 156 -41.37 23.45 -19.79
C GLN B 156 -40.63 22.85 -18.59
N GLY B 157 -39.44 22.32 -18.84
CA GLY B 157 -38.65 21.69 -17.80
C GLY B 157 -37.75 22.68 -17.07
N THR B 158 -37.09 22.20 -16.03
CA THR B 158 -36.19 23.03 -15.24
C THR B 158 -34.78 22.47 -15.27
N THR B 159 -33.99 22.79 -14.25
CA THR B 159 -32.64 22.25 -14.15
C THR B 159 -32.63 20.97 -13.31
N GLU B 160 -33.74 20.72 -12.61
CA GLU B 160 -33.84 19.54 -11.76
C GLU B 160 -34.80 18.50 -12.34
N SER B 161 -35.61 18.92 -13.30
CA SER B 161 -36.61 18.02 -13.89
C SER B 161 -36.73 18.20 -15.40
N ASP B 162 -37.19 17.14 -16.07
CA ASP B 162 -37.38 17.15 -17.51
C ASP B 162 -38.71 17.81 -17.86
N VAL B 163 -38.90 18.11 -19.15
CA VAL B 163 -40.17 18.62 -19.62
C VAL B 163 -41.19 17.49 -19.64
N VAL B 164 -42.46 17.84 -19.63
CA VAL B 164 -43.51 16.83 -19.72
C VAL B 164 -44.25 16.93 -21.05
N CYS B 165 -44.48 15.77 -21.66
CA CYS B 165 -45.11 15.71 -22.97
C CYS B 165 -46.53 15.18 -22.87
N SER B 166 -47.44 15.81 -23.60
CA SER B 166 -48.83 15.35 -23.64
C SER B 166 -49.23 14.97 -25.06
N SER B 167 -50.05 13.93 -25.18
CA SER B 167 -50.53 13.46 -26.48
C SER B 167 -51.74 14.26 -26.93
N SER B 168 -51.74 15.56 -26.65
CA SER B 168 -52.85 16.43 -27.01
C SER B 168 -52.68 16.96 -28.43
#